data_5P9L
#
_entry.id   5P9L
#
_cell.length_a   72.022
_cell.length_b   104.681
_cell.length_c   38.311
_cell.angle_alpha   90.000
_cell.angle_beta   90.000
_cell.angle_gamma   90.000
#
_symmetry.space_group_name_H-M   'P 21 21 2'
#
loop_
_entity.id
_entity.type
_entity.pdbx_description
1 polymer 'Tyrosine-protein kinase BTK'
2 non-polymer ~{N}-[3-[[5-fluoranyl-2-[[4-(2-methoxyethoxy)phenyl]amino]pyrimidin-4-yl]amino]phenyl]propanamide
3 water water
#
_entity_poly.entity_id   1
_entity_poly.type   'polypeptide(L)'
_entity_poly.pdbx_seq_one_letter_code
;GKNAPSTAGLGYGSWEIDPKDLTFLKELGTGQFGVVKYGKWRGQYDVAIKMIKEGSMSEDEFIEEAKVMMNLSHEKLVQL
YGVCTKQRPIFIITEYMANGCLLNYLREMRHRFQTQQLLEMCKDVCEAMEYLESKQFLHRDLAARNCLVNDQGVVKVSDF
GLSRYVLDDEYTSSVGSKFPVRWSPPEVLMYSKFSSKSDIWAFGVLMWEIYSLGKMPYERFTNSETAEHIAQGLRLYRPH
LASEKVYTIMYSCWHEKADERPTFKILLSNILDVMDEES
;
_entity_poly.pdbx_strand_id   A
#
loop_
_chem_comp.id
_chem_comp.type
_chem_comp.name
_chem_comp.formula
7G9 non-polymer ~{N}-[3-[[5-fluoranyl-2-[[4-(2-methoxyethoxy)phenyl]amino]pyrimidin-4-yl]amino]phenyl]propanamide 'C22 H24 F N5 O3'
#
# COMPACT_ATOMS: atom_id res chain seq x y z
N TYR A 12 3.45 -20.45 -23.05
CA TYR A 12 3.20 -19.52 -21.92
C TYR A 12 1.74 -19.19 -21.90
N GLY A 13 1.17 -19.15 -20.69
CA GLY A 13 -0.20 -18.66 -20.51
C GLY A 13 -0.19 -17.13 -20.44
N SER A 14 -1.38 -16.54 -20.39
CA SER A 14 -1.52 -15.08 -20.50
C SER A 14 -0.91 -14.35 -19.28
N TRP A 15 -0.74 -15.07 -18.17
CA TRP A 15 -0.15 -14.52 -16.95
C TRP A 15 1.39 -14.70 -16.88
N GLU A 16 1.96 -15.33 -17.91
CA GLU A 16 3.39 -15.69 -17.92
C GLU A 16 4.16 -14.81 -18.90
N ILE A 17 5.27 -14.28 -18.44
CA ILE A 17 6.19 -13.50 -19.24
C ILE A 17 7.42 -14.36 -19.47
N ASP A 18 7.95 -14.29 -20.70
CA ASP A 18 9.18 -14.98 -21.03
C ASP A 18 10.31 -14.05 -20.59
N PRO A 19 11.15 -14.54 -19.69
CA PRO A 19 12.25 -13.72 -19.20
C PRO A 19 13.27 -13.34 -20.26
N LYS A 20 13.28 -14.05 -21.37
CA LYS A 20 14.20 -13.64 -22.46
C LYS A 20 13.79 -12.34 -23.10
N ASP A 21 12.61 -11.89 -22.79
CA ASP A 21 12.14 -10.58 -23.27
C ASP A 21 12.55 -9.41 -22.39
N LEU A 22 13.26 -9.67 -21.29
CA LEU A 22 13.64 -8.62 -20.36
C LEU A 22 15.11 -8.18 -20.58
N THR A 23 15.33 -6.85 -20.50
CA THR A 23 16.63 -6.26 -20.44
C THR A 23 16.74 -5.58 -19.06
N PHE A 24 17.79 -5.89 -18.31
CA PHE A 24 18.00 -5.33 -16.95
C PHE A 24 18.84 -4.12 -17.01
N LEU A 25 18.36 -3.07 -16.39
CA LEU A 25 18.96 -1.73 -16.52
C LEU A 25 19.58 -1.18 -15.23
N LYS A 26 18.96 -1.43 -14.10
CA LYS A 26 19.46 -0.89 -12.83
C LYS A 26 18.84 -1.55 -11.59
N GLU A 27 19.59 -1.61 -10.50
CA GLU A 27 19.07 -2.14 -9.25
C GLU A 27 18.28 -1.04 -8.56
N LEU A 28 17.14 -1.43 -8.00
CA LEU A 28 16.26 -0.49 -7.28
C LEU A 28 16.31 -0.68 -5.76
N GLY A 29 16.70 -1.85 -5.31
CA GLY A 29 16.72 -2.11 -3.88
C GLY A 29 16.40 -3.56 -3.62
N GLY A 34 13.25 -7.14 -2.13
CA GLY A 34 14.27 -7.32 -3.17
C GLY A 34 14.88 -8.70 -3.28
N VAL A 35 15.65 -8.94 -4.33
CA VAL A 35 16.08 -7.87 -5.25
C VAL A 35 14.99 -7.40 -6.20
N VAL A 36 14.94 -6.10 -6.46
CA VAL A 36 14.09 -5.51 -7.46
C VAL A 36 14.95 -4.66 -8.42
N LYS A 37 14.72 -4.89 -9.71
CA LYS A 37 15.46 -4.22 -10.77
C LYS A 37 14.50 -3.43 -11.66
N TYR A 38 15.00 -2.34 -12.23
CA TYR A 38 14.33 -1.65 -13.33
C TYR A 38 14.86 -2.28 -14.64
N GLY A 39 13.95 -2.44 -15.61
CA GLY A 39 14.34 -2.93 -16.94
C GLY A 39 13.33 -2.58 -18.01
N LYS A 40 13.54 -3.15 -19.20
CA LYS A 40 12.60 -3.01 -20.34
C LYS A 40 12.10 -4.37 -20.75
N TRP A 41 10.86 -4.43 -21.22
CA TRP A 41 10.27 -5.62 -21.86
C TRP A 41 10.14 -5.33 -23.33
N ARG A 42 10.66 -6.28 -24.08
CA ARG A 42 10.78 -6.22 -25.55
C ARG A 42 11.34 -4.89 -25.97
N GLY A 43 12.43 -4.48 -25.31
CA GLY A 43 13.20 -3.29 -25.68
C GLY A 43 12.58 -1.93 -25.38
N GLN A 44 11.29 -1.85 -25.17
CA GLN A 44 10.69 -0.54 -25.20
C GLN A 44 10.07 -0.17 -23.88
N TYR A 45 9.38 -1.12 -23.26
CA TYR A 45 8.41 -0.85 -22.19
C TYR A 45 9.05 -0.97 -20.82
N ASP A 46 8.96 0.08 -20.03
CA ASP A 46 9.52 0.05 -18.68
C ASP A 46 8.79 -0.95 -17.78
N VAL A 47 9.55 -1.66 -16.98
CA VAL A 47 9.02 -2.60 -16.01
C VAL A 47 9.90 -2.63 -14.76
N ALA A 48 9.28 -2.98 -13.64
CA ALA A 48 10.01 -3.40 -12.47
C ALA A 48 9.97 -4.90 -12.37
N ILE A 49 11.14 -5.47 -12.03
CA ILE A 49 11.35 -6.93 -12.02
C ILE A 49 11.72 -7.32 -10.60
N LYS A 50 10.81 -8.01 -9.91
CA LYS A 50 11.01 -8.47 -8.55
C LYS A 50 11.51 -9.89 -8.59
N MET A 51 12.75 -10.12 -8.13
CA MET A 51 13.32 -11.48 -8.06
C MET A 51 13.05 -12.07 -6.71
N ILE A 52 12.33 -13.18 -6.68
CA ILE A 52 11.83 -13.78 -5.43
C ILE A 52 12.80 -14.82 -4.92
N LYS A 53 13.39 -14.56 -3.76
CA LYS A 53 14.40 -15.43 -3.19
C LYS A 53 13.80 -16.78 -2.86
N GLU A 54 14.61 -17.79 -3.12
CA GLU A 54 14.20 -19.15 -2.92
C GLU A 54 13.79 -19.33 -1.47
N GLY A 55 12.67 -20.03 -1.29
CA GLY A 55 12.15 -20.38 0.04
C GLY A 55 11.33 -19.30 0.70
N SER A 56 11.30 -18.11 0.12
CA SER A 56 10.61 -16.99 0.75
C SER A 56 9.10 -16.97 0.49
N MET A 57 8.68 -17.70 -0.54
CA MET A 57 7.29 -17.55 -1.00
C MET A 57 6.61 -18.85 -1.25
N SER A 58 5.30 -18.89 -0.98
CA SER A 58 4.47 -20.00 -1.42
C SER A 58 4.12 -19.83 -2.91
N GLU A 59 4.96 -20.36 -3.78
CA GLU A 59 5.04 -19.91 -5.16
C GLU A 59 3.88 -20.44 -5.97
N ASP A 60 3.47 -21.68 -5.74
CA ASP A 60 2.36 -22.18 -6.54
C ASP A 60 1.07 -21.48 -6.14
N GLU A 61 0.85 -21.23 -4.84
CA GLU A 61 -0.32 -20.44 -4.43
C GLU A 61 -0.27 -19.03 -5.02
N PHE A 62 0.89 -18.39 -4.95
CA PHE A 62 1.03 -17.07 -5.53
C PHE A 62 0.73 -17.07 -7.04
N ILE A 63 1.24 -18.06 -7.76
CA ILE A 63 1.03 -18.04 -9.19
C ILE A 63 -0.47 -18.17 -9.55
N GLU A 64 -1.21 -19.02 -8.81
CA GLU A 64 -2.67 -19.09 -9.01
C GLU A 64 -3.39 -17.74 -8.74
N GLU A 65 -2.91 -17.04 -7.73
CA GLU A 65 -3.51 -15.75 -7.38
C GLU A 65 -3.11 -14.70 -8.42
N ALA A 66 -1.90 -14.81 -8.96
CA ALA A 66 -1.40 -13.85 -9.98
C ALA A 66 -2.40 -13.80 -11.16
N LYS A 67 -3.06 -14.91 -11.45
CA LYS A 67 -4.03 -14.95 -12.53
C LYS A 67 -5.19 -13.99 -12.29
N VAL A 68 -5.60 -13.86 -11.03
CA VAL A 68 -6.65 -12.93 -10.62
C VAL A 68 -6.10 -11.54 -10.56
N MET A 69 -4.91 -11.37 -9.98
CA MET A 69 -4.29 -10.04 -9.93
C MET A 69 -4.13 -9.50 -11.41
N MET A 70 -3.96 -10.37 -12.41
CA MET A 70 -3.84 -9.94 -13.84
C MET A 70 -5.06 -9.09 -14.27
N ASN A 71 -6.22 -9.38 -13.67
CA ASN A 71 -7.47 -8.69 -14.04
C ASN A 71 -7.86 -7.50 -13.17
N LEU A 72 -7.10 -7.24 -12.11
CA LEU A 72 -7.27 -6.02 -11.36
C LEU A 72 -6.62 -4.94 -12.20
N SER A 73 -7.34 -3.86 -12.43
CA SER A 73 -6.79 -2.81 -13.28
C SER A 73 -7.42 -1.53 -12.86
N HIS A 74 -6.64 -0.65 -12.32
CA HIS A 74 -7.09 0.68 -11.93
C HIS A 74 -5.89 1.59 -12.03
N GLU A 75 -6.10 2.84 -12.41
CA GLU A 75 -5.03 3.77 -12.62
C GLU A 75 -4.20 3.98 -11.36
N LYS A 76 -4.77 3.80 -10.18
CA LYS A 76 -4.06 4.08 -8.94
C LYS A 76 -3.57 2.80 -8.25
N LEU A 77 -3.67 1.69 -8.97
CA LEU A 77 -3.08 0.41 -8.55
C LEU A 77 -1.82 0.08 -9.40
N VAL A 78 -0.70 -0.21 -8.77
CA VAL A 78 0.46 -0.65 -9.55
C VAL A 78 0.07 -1.94 -10.34
N GLN A 79 0.21 -1.86 -11.65
CA GLN A 79 -0.24 -2.97 -12.52
C GLN A 79 0.68 -4.18 -12.50
N LEU A 80 0.09 -5.35 -12.32
CA LEU A 80 0.77 -6.64 -12.52
C LEU A 80 0.83 -6.91 -14.05
N TYR A 81 2.02 -7.09 -14.61
CA TYR A 81 2.12 -7.45 -16.03
C TYR A 81 2.23 -8.93 -16.29
N GLY A 82 2.74 -9.68 -15.33
CA GLY A 82 2.88 -11.11 -15.49
C GLY A 82 3.92 -11.66 -14.49
N VAL A 83 4.15 -12.95 -14.56
CA VAL A 83 5.15 -13.65 -13.73
C VAL A 83 6.05 -14.52 -14.62
N CYS A 84 7.30 -14.68 -14.20
CA CYS A 84 8.22 -15.63 -14.87
C CYS A 84 8.42 -16.81 -13.95
N THR A 85 7.81 -17.91 -14.32
CA THR A 85 7.67 -19.07 -13.45
C THR A 85 8.53 -20.28 -13.80
N LYS A 86 9.23 -20.29 -14.92
CA LYS A 86 9.81 -21.55 -15.34
C LYS A 86 11.18 -21.79 -14.70
N GLN A 87 11.67 -20.87 -13.85
CA GLN A 87 12.98 -21.09 -13.19
C GLN A 87 13.19 -20.47 -11.78
N ARG A 88 14.40 -20.71 -11.24
CA ARG A 88 14.87 -20.16 -9.95
C ARG A 88 15.82 -18.97 -10.17
N PRO A 89 15.50 -17.83 -9.59
CA PRO A 89 14.26 -17.54 -8.91
C PRO A 89 13.13 -17.16 -9.88
N ILE A 90 11.90 -17.14 -9.38
CA ILE A 90 10.83 -16.60 -10.19
C ILE A 90 10.83 -15.09 -10.10
N PHE A 91 10.23 -14.49 -11.12
CA PHE A 91 10.12 -13.04 -11.16
C PHE A 91 8.68 -12.55 -11.20
N ILE A 92 8.41 -11.41 -10.56
CA ILE A 92 7.12 -10.71 -10.68
C ILE A 92 7.39 -9.44 -11.43
N ILE A 93 6.67 -9.28 -12.50
CA ILE A 93 6.86 -8.16 -13.39
C ILE A 93 5.71 -7.18 -13.22
N THR A 94 6.05 -5.96 -12.85
CA THR A 94 5.04 -4.93 -12.58
C THR A 94 5.38 -3.59 -13.20
N GLU A 95 4.40 -2.69 -13.15
CA GLU A 95 4.57 -1.30 -13.53
C GLU A 95 5.76 -0.70 -12.77
N TYR A 96 6.54 0.10 -13.49
CA TYR A 96 7.67 0.81 -12.97
C TYR A 96 7.24 2.21 -12.46
N MET A 97 7.71 2.58 -11.28
CA MET A 97 7.30 3.81 -10.60
C MET A 97 8.58 4.60 -10.32
N ALA A 98 8.87 5.57 -11.17
CA ALA A 98 10.18 6.19 -11.19
C ALA A 98 10.58 6.87 -9.93
N ASN A 99 9.62 7.39 -9.13
CA ASN A 99 9.98 8.17 -7.94
C ASN A 99 10.02 7.35 -6.69
N GLY A 100 9.88 6.04 -6.79
CA GLY A 100 10.16 5.15 -5.69
C GLY A 100 9.12 5.09 -4.62
N CYS A 101 9.44 4.61 -3.45
CA CYS A 101 8.54 4.34 -2.38
CA CYS A 101 8.65 4.33 -2.26
C CYS A 101 8.03 5.61 -1.68
N LEU A 102 6.72 5.64 -1.39
CA LEU A 102 6.07 6.81 -0.81
C LEU A 102 6.73 7.23 0.49
N LEU A 103 7.12 6.29 1.33
CA LEU A 103 7.67 6.63 2.66
C LEU A 103 8.92 7.44 2.51
N ASN A 104 9.79 7.03 1.60
CA ASN A 104 10.97 7.74 1.39
C ASN A 104 10.73 9.13 0.76
N TYR A 105 9.75 9.20 -0.13
CA TYR A 105 9.39 10.44 -0.77
C TYR A 105 8.88 11.46 0.24
N LEU A 106 8.01 11.06 1.14
CA LEU A 106 7.49 11.91 2.16
C LEU A 106 8.57 12.50 3.02
N ARG A 107 9.63 11.72 3.26
CA ARG A 107 10.73 12.10 4.18
C ARG A 107 11.70 13.05 3.55
N GLU A 108 11.68 13.27 2.23
CA GLU A 108 12.57 14.20 1.58
C GLU A 108 12.05 15.62 1.79
N MET A 109 12.78 16.38 2.58
CA MET A 109 12.34 17.69 2.91
C MET A 109 12.42 18.67 1.74
N ARG A 110 13.20 18.36 0.73
CA ARG A 110 13.30 19.28 -0.41
C ARG A 110 11.95 19.51 -1.09
N HIS A 111 11.00 18.58 -1.00
CA HIS A 111 9.74 18.72 -1.72
C HIS A 111 8.90 19.92 -1.22
N ARG A 112 9.04 20.25 0.07
CA ARG A 112 8.30 21.34 0.71
C ARG A 112 6.81 21.26 0.29
N PHE A 113 6.22 20.10 0.59
CA PHE A 113 4.90 19.79 0.10
C PHE A 113 3.87 20.76 0.63
N GLN A 114 2.92 21.14 -0.23
CA GLN A 114 1.72 21.85 0.20
C GLN A 114 0.70 20.82 0.68
N THR A 115 -0.19 21.21 1.57
CA THR A 115 -1.21 20.26 2.06
C THR A 115 -2.11 19.79 0.96
N GLN A 116 -2.38 20.56 -0.09
CA GLN A 116 -3.20 20.05 -1.20
C GLN A 116 -2.48 18.88 -1.88
N GLN A 117 -1.16 18.88 -1.92
CA GLN A 117 -0.44 17.73 -2.50
C GLN A 117 -0.60 16.51 -1.58
N LEU A 118 -0.59 16.71 -0.29
CA LEU A 118 -0.73 15.56 0.65
C LEU A 118 -2.13 14.98 0.48
N LEU A 119 -3.13 15.81 0.39
CA LEU A 119 -4.50 15.38 0.27
C LEU A 119 -4.73 14.62 -1.05
N GLU A 120 -4.11 15.08 -2.13
CA GLU A 120 -4.12 14.33 -3.37
C GLU A 120 -3.50 12.95 -3.24
N MET A 121 -2.41 12.81 -2.51
CA MET A 121 -1.84 11.48 -2.24
C MET A 121 -2.87 10.57 -1.60
N CYS A 122 -3.57 11.09 -0.59
CA CYS A 122 -4.57 10.34 0.15
C CYS A 122 -5.68 9.94 -0.82
N LYS A 123 -6.10 10.84 -1.71
CA LYS A 123 -7.15 10.54 -2.66
C LYS A 123 -6.71 9.47 -3.65
N ASP A 124 -5.48 9.52 -4.18
CA ASP A 124 -4.94 8.49 -5.03
C ASP A 124 -5.09 7.09 -4.39
N VAL A 125 -4.64 6.97 -3.15
CA VAL A 125 -4.73 5.69 -2.44
C VAL A 125 -6.16 5.30 -2.22
N CYS A 126 -6.97 6.24 -1.78
CA CYS A 126 -8.40 5.91 -1.52
C CYS A 126 -9.14 5.41 -2.77
N GLU A 127 -8.82 5.97 -3.93
CA GLU A 127 -9.40 5.48 -5.18
C GLU A 127 -9.00 4.04 -5.47
N ALA A 128 -7.72 3.71 -5.29
CA ALA A 128 -7.24 2.32 -5.43
C ALA A 128 -7.98 1.39 -4.49
N MET A 129 -8.13 1.82 -3.25
CA MET A 129 -8.70 0.98 -2.22
C MET A 129 -10.20 0.84 -2.46
N GLU A 130 -10.90 1.89 -2.93
CA GLU A 130 -12.30 1.79 -3.27
C GLU A 130 -12.48 0.73 -4.38
N TYR A 131 -11.58 0.72 -5.34
CA TYR A 131 -11.60 -0.30 -6.40
C TYR A 131 -11.42 -1.71 -5.81
N LEU A 132 -10.39 -1.91 -5.00
CA LEU A 132 -10.15 -3.22 -4.40
C LEU A 132 -11.38 -3.61 -3.59
N GLU A 133 -11.96 -2.71 -2.82
CA GLU A 133 -13.18 -3.00 -2.01
CA GLU A 133 -13.13 -3.06 -2.03
C GLU A 133 -14.30 -3.45 -2.93
N SER A 134 -14.44 -2.81 -4.09
CA SER A 134 -15.55 -3.18 -5.00
C SER A 134 -15.37 -4.59 -5.56
N LYS A 135 -14.16 -5.16 -5.41
CA LYS A 135 -13.81 -6.48 -5.92
C LYS A 135 -13.69 -7.38 -4.72
N GLN A 136 -14.07 -6.93 -3.56
CA GLN A 136 -13.96 -7.74 -2.31
C GLN A 136 -12.52 -8.25 -2.08
N PHE A 137 -11.53 -7.45 -2.46
CA PHE A 137 -10.15 -7.85 -2.39
C PHE A 137 -9.50 -7.04 -1.29
N LEU A 138 -8.93 -7.67 -0.27
CA LEU A 138 -8.18 -6.98 0.83
C LEU A 138 -6.76 -6.77 0.49
N HIS A 139 -6.23 -5.60 0.83
CA HIS A 139 -4.83 -5.40 0.72
C HIS A 139 -4.06 -6.27 1.70
N ARG A 140 -4.47 -6.14 2.95
CA ARG A 140 -3.91 -6.84 4.10
C ARG A 140 -2.66 -6.18 4.69
N ASP A 141 -1.95 -5.29 4.01
CA ASP A 141 -0.78 -4.64 4.54
C ASP A 141 -0.67 -3.24 4.01
N LEU A 142 -1.76 -2.48 4.02
CA LEU A 142 -1.69 -1.10 3.50
C LEU A 142 -0.88 -0.20 4.46
N ALA A 143 0.08 0.47 3.91
CA ALA A 143 0.97 1.35 4.64
C ALA A 143 1.77 2.16 3.62
N ALA A 144 2.40 3.28 4.01
CA ALA A 144 3.16 4.09 3.07
C ALA A 144 4.31 3.31 2.43
N ARG A 145 4.91 2.40 3.18
CA ARG A 145 5.97 1.60 2.62
C ARG A 145 5.55 0.71 1.46
N ASN A 146 4.26 0.48 1.26
CA ASN A 146 3.69 -0.33 0.17
C ASN A 146 3.01 0.52 -0.86
N CYS A 147 3.31 1.80 -0.89
CA CYS A 147 2.83 2.70 -1.97
C CYS A 147 4.04 3.22 -2.70
N LEU A 148 3.88 3.51 -3.99
CA LEU A 148 4.93 3.95 -4.89
C LEU A 148 4.49 5.25 -5.55
N VAL A 149 5.46 5.97 -6.14
CA VAL A 149 5.24 7.27 -6.70
C VAL A 149 5.81 7.28 -8.15
N ASN A 150 4.99 7.66 -9.10
CA ASN A 150 5.50 7.71 -10.51
C ASN A 150 6.10 9.09 -10.83
N ASP A 151 6.60 9.20 -12.08
CA ASP A 151 7.26 10.40 -12.54
C ASP A 151 6.36 11.62 -12.60
N GLN A 152 5.05 11.44 -12.55
CA GLN A 152 4.10 12.52 -12.45
C GLN A 152 3.66 12.86 -11.06
N GLY A 153 4.28 12.22 -10.06
CA GLY A 153 3.87 12.49 -8.71
C GLY A 153 2.61 11.75 -8.23
N VAL A 154 2.07 10.84 -9.04
CA VAL A 154 0.89 10.05 -8.69
C VAL A 154 1.29 8.90 -7.77
N VAL A 155 0.58 8.77 -6.68
CA VAL A 155 0.76 7.63 -5.75
C VAL A 155 -0.09 6.45 -6.16
N LYS A 156 0.49 5.28 -6.17
CA LYS A 156 -0.25 4.06 -6.44
C LYS A 156 0.03 3.02 -5.36
N VAL A 157 -0.95 2.14 -5.15
CA VAL A 157 -0.86 1.11 -4.15
C VAL A 157 -0.24 -0.16 -4.77
N SER A 158 0.71 -0.73 -4.08
CA SER A 158 1.39 -1.92 -4.56
C SER A 158 1.27 -3.09 -3.55
N ASP A 159 1.60 -4.25 -4.08
CA ASP A 159 1.74 -5.49 -3.27
C ASP A 159 0.45 -5.85 -2.51
N PHE A 160 -0.66 -5.47 -3.11
CA PHE A 160 -1.97 -5.81 -2.59
C PHE A 160 -2.11 -7.34 -2.52
N GLY A 161 -2.40 -7.86 -1.34
CA GLY A 161 -2.61 -9.29 -1.11
C GLY A 161 -1.38 -10.13 -0.94
N LEU A 162 -0.23 -9.58 -1.24
CA LEU A 162 0.98 -10.38 -1.35
C LEU A 162 1.46 -11.10 -0.07
N SER A 163 1.14 -10.56 1.09
CA SER A 163 1.62 -11.11 2.33
C SER A 163 1.06 -12.54 2.56
N ARG A 164 -0.04 -12.87 1.89
CA ARG A 164 -0.62 -14.22 2.05
C ARG A 164 0.32 -15.32 1.59
N TYR A 165 1.29 -14.97 0.75
CA TYR A 165 2.16 -15.97 0.13
C TYR A 165 3.55 -15.91 0.74
N VAL A 166 3.74 -15.12 1.80
CA VAL A 166 5.07 -15.03 2.43
C VAL A 166 5.20 -16.13 3.45
N LEU A 167 6.25 -16.93 3.35
CA LEU A 167 6.49 -17.99 4.34
C LEU A 167 7.23 -17.45 5.58
N LYS A 178 8.19 -8.65 9.81
CA LYS A 178 7.47 -7.80 10.73
C LYS A 178 5.95 -7.86 10.51
N PHE A 179 5.18 -8.24 11.54
CA PHE A 179 3.74 -8.06 11.44
C PHE A 179 3.43 -6.58 11.64
N PRO A 180 2.48 -6.06 10.86
CA PRO A 180 2.25 -4.63 10.94
C PRO A 180 1.32 -4.17 12.12
N VAL A 181 1.83 -4.39 13.33
CA VAL A 181 1.14 -3.98 14.51
C VAL A 181 0.61 -2.51 14.41
N ARG A 182 1.47 -1.57 13.96
CA ARG A 182 1.10 -0.15 13.98
C ARG A 182 0.01 0.24 12.99
N TRP A 183 -0.37 -0.69 12.10
CA TRP A 183 -1.38 -0.42 11.07
C TRP A 183 -2.57 -1.34 11.31
N SER A 184 -2.71 -1.92 12.50
CA SER A 184 -3.76 -2.96 12.79
C SER A 184 -4.78 -2.52 13.83
N PRO A 185 -6.05 -2.78 13.55
CA PRO A 185 -7.07 -2.43 14.51
C PRO A 185 -7.16 -3.38 15.71
N PRO A 186 -7.89 -3.01 16.78
CA PRO A 186 -7.96 -3.85 17.98
C PRO A 186 -8.38 -5.30 17.70
N GLU A 187 -9.33 -5.50 16.83
CA GLU A 187 -9.83 -6.85 16.67
C GLU A 187 -8.81 -7.74 15.94
N VAL A 188 -7.92 -7.15 15.12
CA VAL A 188 -6.80 -7.90 14.57
C VAL A 188 -5.81 -8.28 15.65
N LEU A 189 -5.45 -7.30 16.45
CA LEU A 189 -4.42 -7.59 17.48
C LEU A 189 -4.93 -8.53 18.56
N MET A 190 -6.22 -8.46 18.89
CA MET A 190 -6.77 -9.29 19.96
C MET A 190 -7.15 -10.67 19.40
N TYR A 191 -7.77 -10.75 18.22
CA TYR A 191 -8.50 -11.97 17.82
C TYR A 191 -8.14 -12.45 16.40
N SER A 192 -7.33 -11.70 15.66
CA SER A 192 -6.96 -12.04 14.30
C SER A 192 -8.19 -11.94 13.39
N LYS A 193 -9.02 -10.96 13.66
CA LYS A 193 -10.20 -10.74 12.84
C LYS A 193 -9.93 -9.74 11.69
N PHE A 194 -9.64 -10.22 10.51
CA PHE A 194 -9.30 -9.41 9.33
C PHE A 194 -10.55 -9.21 8.50
N SER A 195 -10.75 -8.05 7.91
CA SER A 195 -11.93 -7.73 7.16
C SER A 195 -11.67 -6.45 6.33
N SER A 196 -12.64 -6.02 5.57
CA SER A 196 -12.56 -4.71 4.92
C SER A 196 -12.19 -3.62 5.92
N LYS A 197 -12.71 -3.74 7.13
CA LYS A 197 -12.53 -2.72 8.18
C LYS A 197 -11.15 -2.70 8.77
N SER A 198 -10.33 -3.77 8.59
CA SER A 198 -8.98 -3.70 8.96
C SER A 198 -8.16 -2.95 7.90
N ASP A 199 -8.51 -3.03 6.62
CA ASP A 199 -7.95 -2.16 5.60
C ASP A 199 -8.34 -0.73 5.84
N ILE A 200 -9.56 -0.47 6.25
CA ILE A 200 -9.92 0.91 6.56
C ILE A 200 -9.07 1.49 7.65
N TRP A 201 -8.86 0.75 8.72
CA TRP A 201 -8.05 1.24 9.83
C TRP A 201 -6.65 1.56 9.34
N ALA A 202 -6.05 0.65 8.56
CA ALA A 202 -4.72 0.90 7.97
C ALA A 202 -4.70 2.16 7.09
N PHE A 203 -5.74 2.42 6.33
CA PHE A 203 -5.76 3.59 5.50
C PHE A 203 -5.72 4.82 6.39
N GLY A 204 -6.44 4.85 7.52
CA GLY A 204 -6.37 6.02 8.41
C GLY A 204 -4.94 6.21 8.91
N VAL A 205 -4.22 5.13 9.28
CA VAL A 205 -2.86 5.26 9.69
C VAL A 205 -2.00 5.79 8.53
N LEU A 206 -2.24 5.33 7.29
CA LEU A 206 -1.51 5.85 6.12
C LEU A 206 -1.74 7.34 5.94
N MET A 207 -3.01 7.80 6.07
CA MET A 207 -3.22 9.27 6.01
C MET A 207 -2.36 9.94 7.04
N TRP A 208 -2.31 9.39 8.27
CA TRP A 208 -1.48 9.97 9.31
C TRP A 208 -0.02 10.01 8.89
N GLU A 209 0.45 8.96 8.25
CA GLU A 209 1.88 8.90 7.78
C GLU A 209 2.12 10.00 6.72
N ILE A 210 1.14 10.20 5.84
CA ILE A 210 1.25 11.25 4.79
C ILE A 210 1.33 12.61 5.42
N TYR A 211 0.41 12.93 6.31
CA TYR A 211 0.35 14.26 6.92
C TYR A 211 1.42 14.50 7.91
N SER A 212 2.05 13.49 8.41
CA SER A 212 3.21 13.55 9.29
C SER A 212 4.54 13.51 8.52
N LEU A 213 4.53 13.53 7.20
CA LEU A 213 5.71 13.52 6.37
C LEU A 213 6.60 12.34 6.67
N GLY A 214 5.92 11.21 6.88
CA GLY A 214 6.61 9.92 6.96
C GLY A 214 7.18 9.53 8.31
N LYS A 215 6.73 10.14 9.38
CA LYS A 215 7.02 9.63 10.73
C LYS A 215 6.51 8.24 10.94
N MET A 216 7.23 7.45 11.73
CA MET A 216 6.75 6.15 12.17
CA MET A 216 6.70 6.15 12.17
C MET A 216 5.49 6.39 13.12
N PRO A 217 4.36 5.69 12.85
CA PRO A 217 3.24 5.81 13.78
C PRO A 217 3.62 5.32 15.18
N TYR A 218 3.20 6.06 16.20
CA TYR A 218 3.53 5.73 17.62
C TYR A 218 5.02 5.66 17.81
N GLU A 219 5.68 6.69 17.30
CA GLU A 219 7.15 6.67 17.14
C GLU A 219 7.92 6.43 18.41
N ARG A 220 7.35 6.75 19.57
CA ARG A 220 8.08 6.55 20.81
C ARG A 220 7.78 5.25 21.51
N PHE A 221 6.92 4.43 20.90
CA PHE A 221 6.48 3.19 21.47
C PHE A 221 7.06 2.00 20.70
N THR A 222 7.20 0.87 21.41
CA THR A 222 7.42 -0.40 20.76
C THR A 222 6.11 -0.93 20.18
N ASN A 223 6.23 -1.97 19.37
CA ASN A 223 4.97 -2.64 18.90
C ASN A 223 4.10 -3.12 20.06
N SER A 224 4.75 -3.70 21.06
N SER A 224 4.70 -3.70 21.08
CA SER A 224 4.00 -4.24 22.20
CA SER A 224 3.84 -4.22 22.13
C SER A 224 3.24 -3.12 22.97
C SER A 224 3.16 -3.07 22.88
N GLU A 225 3.87 -1.97 23.12
CA GLU A 225 3.22 -0.82 23.77
C GLU A 225 2.11 -0.24 22.89
N THR A 226 2.32 -0.21 21.58
CA THR A 226 1.28 0.27 20.67
C THR A 226 0.04 -0.58 20.80
N ALA A 227 0.22 -1.91 20.83
CA ALA A 227 -0.92 -2.80 20.90
C ALA A 227 -1.71 -2.53 22.17
N GLU A 228 -1.01 -2.36 23.27
CA GLU A 228 -1.72 -1.98 24.52
C GLU A 228 -2.43 -0.66 24.43
N HIS A 229 -1.77 0.36 23.92
CA HIS A 229 -2.32 1.71 23.79
C HIS A 229 -3.65 1.64 23.02
N ILE A 230 -3.62 0.97 21.88
CA ILE A 230 -4.79 0.87 20.99
C ILE A 230 -5.93 0.11 21.65
N ALA A 231 -5.60 -0.95 22.36
CA ALA A 231 -6.63 -1.85 22.87
C ALA A 231 -7.27 -1.15 24.03
N GLN A 232 -6.58 -0.17 24.64
CA GLN A 232 -7.12 0.65 25.74
C GLN A 232 -7.87 1.85 25.21
N GLY A 233 -8.00 1.91 23.89
CA GLY A 233 -8.92 2.84 23.27
C GLY A 233 -8.22 4.17 22.91
N LEU A 234 -6.89 4.26 23.09
CA LEU A 234 -6.10 5.47 22.73
C LEU A 234 -5.65 5.41 21.28
N ARG A 235 -5.24 6.57 20.75
CA ARG A 235 -5.11 6.74 19.31
C ARG A 235 -3.97 7.64 18.99
N LEU A 236 -3.52 7.61 17.73
CA LEU A 236 -2.68 8.68 17.16
C LEU A 236 -3.45 9.98 17.31
N TYR A 237 -2.75 11.08 17.27
CA TYR A 237 -3.35 12.37 17.38
C TYR A 237 -2.98 13.23 16.16
N ARG A 238 -3.49 14.42 16.06
CA ARG A 238 -3.48 15.20 14.83
C ARG A 238 -2.10 15.63 14.35
N PRO A 239 -1.68 15.24 13.14
CA PRO A 239 -0.45 15.81 12.61
C PRO A 239 -0.63 17.32 12.45
N HIS A 240 0.43 18.04 12.59
CA HIS A 240 0.38 19.49 12.48
C HIS A 240 -0.15 19.99 11.15
N LEU A 241 0.20 19.28 10.08
CA LEU A 241 -0.30 19.69 8.71
C LEU A 241 -1.70 19.30 8.36
N ALA A 242 -2.39 18.51 9.21
CA ALA A 242 -3.78 18.13 8.97
C ALA A 242 -4.74 19.13 9.56
N SER A 243 -5.62 19.70 8.76
CA SER A 243 -6.70 20.54 9.25
C SER A 243 -7.64 19.69 10.11
N GLU A 244 -8.54 20.31 10.86
CA GLU A 244 -9.54 19.56 11.64
C GLU A 244 -10.36 18.65 10.74
N LYS A 245 -10.75 19.12 9.58
CA LYS A 245 -11.53 18.28 8.67
C LYS A 245 -10.78 17.08 8.16
N VAL A 246 -9.47 17.22 7.89
CA VAL A 246 -8.70 16.07 7.46
C VAL A 246 -8.52 15.10 8.63
N TYR A 247 -8.25 15.64 9.81
CA TYR A 247 -8.08 14.78 11.02
C TYR A 247 -9.36 13.99 11.28
N THR A 248 -10.50 14.59 11.08
CA THR A 248 -11.76 13.86 11.33
C THR A 248 -11.89 12.68 10.39
N ILE A 249 -11.43 12.78 9.16
CA ILE A 249 -11.49 11.70 8.23
C ILE A 249 -10.57 10.57 8.66
N MET A 250 -9.31 10.86 9.01
CA MET A 250 -8.40 9.77 9.42
C MET A 250 -8.89 9.16 10.73
N TYR A 251 -9.38 9.97 11.67
CA TYR A 251 -9.83 9.51 12.97
C TYR A 251 -11.03 8.58 12.79
N SER A 252 -11.92 8.81 11.85
CA SER A 252 -13.11 7.98 11.60
C SER A 252 -12.73 6.57 11.25
N CYS A 253 -11.51 6.35 10.75
CA CYS A 253 -11.02 4.99 10.39
C CYS A 253 -10.66 4.16 11.62
N TRP A 254 -10.65 4.79 12.81
CA TRP A 254 -10.11 4.15 14.00
C TRP A 254 -11.19 3.88 15.06
N HIS A 255 -12.44 3.85 14.64
CA HIS A 255 -13.48 3.54 15.60
C HIS A 255 -13.21 2.18 16.24
N GLU A 256 -13.49 2.03 17.53
CA GLU A 256 -13.25 0.77 18.23
C GLU A 256 -14.10 -0.35 17.63
N LYS A 257 -15.29 0.00 17.15
CA LYS A 257 -16.21 -0.95 16.52
C LYS A 257 -16.06 -0.92 15.03
N ALA A 258 -15.63 -2.03 14.49
CA ALA A 258 -15.30 -2.12 13.09
C ALA A 258 -16.47 -1.67 12.22
N ASP A 259 -17.70 -2.06 12.58
CA ASP A 259 -18.86 -1.75 11.76
C ASP A 259 -19.18 -0.27 11.74
N GLU A 260 -18.61 0.52 12.63
CA GLU A 260 -18.86 1.95 12.60
C GLU A 260 -17.77 2.71 11.86
N ARG A 261 -16.84 2.03 11.26
CA ARG A 261 -15.87 2.61 10.35
C ARG A 261 -16.47 2.80 8.96
N PRO A 262 -16.08 3.87 8.26
CA PRO A 262 -16.62 4.11 6.91
C PRO A 262 -16.14 3.05 5.91
N THR A 263 -16.71 3.07 4.72
CA THR A 263 -16.21 2.35 3.57
C THR A 263 -15.26 3.28 2.82
N PHE A 264 -14.53 2.70 1.88
CA PHE A 264 -13.65 3.48 1.01
C PHE A 264 -14.42 4.44 0.14
N LYS A 265 -15.63 4.10 -0.25
CA LYS A 265 -16.51 4.99 -1.03
C LYS A 265 -16.84 6.20 -0.21
N ILE A 266 -17.24 6.03 1.04
CA ILE A 266 -17.54 7.15 1.91
C ILE A 266 -16.26 7.99 2.12
N LEU A 267 -15.12 7.35 2.40
CA LEU A 267 -13.89 8.08 2.58
C LEU A 267 -13.57 8.94 1.38
N LEU A 268 -13.80 8.44 0.18
CA LEU A 268 -13.46 9.18 -1.03
C LEU A 268 -14.34 10.39 -1.11
N SER A 269 -15.60 10.24 -0.78
CA SER A 269 -16.51 11.44 -0.77
C SER A 269 -16.12 12.45 0.26
N ASN A 270 -15.60 11.97 1.39
CA ASN A 270 -15.15 12.90 2.42
C ASN A 270 -13.91 13.68 1.96
N ILE A 271 -13.00 13.00 1.28
CA ILE A 271 -11.74 13.61 0.82
C ILE A 271 -12.07 14.62 -0.28
N LEU A 272 -13.00 14.32 -1.18
CA LEU A 272 -13.37 15.26 -2.25
C LEU A 272 -14.04 16.49 -1.66
N ASP A 273 -14.86 16.32 -0.62
CA ASP A 273 -15.50 17.46 0.03
C ASP A 273 -14.46 18.40 0.60
N VAL A 274 -13.46 17.89 1.30
CA VAL A 274 -12.34 18.70 1.77
C VAL A 274 -11.61 19.40 0.65
N MET A 275 -11.25 18.72 -0.43
CA MET A 275 -10.63 19.38 -1.54
C MET A 275 -11.48 20.54 -2.04
N ASP A 276 -12.79 20.37 -2.10
CA ASP A 276 -13.67 21.43 -2.56
C ASP A 276 -13.72 22.62 -1.60
N GLU A 277 -13.59 22.37 -0.30
CA GLU A 277 -13.62 23.45 0.73
C GLU A 277 -12.22 23.97 1.00
C1 7G9 B . 8.37 -1.32 -8.08
C2 7G9 B . 8.09 -0.46 -9.09
C8 7G9 B . 11.59 2.51 -7.69
C9 7G9 B . 12.15 3.65 -8.20
C10 7G9 B . 13.23 4.28 -7.62
C11 7G9 B . 13.74 3.75 -6.47
C12 7G9 B . 13.22 2.59 -5.92
C13 7G9 B . 12.11 1.97 -6.54
C15 7G9 B . 15.94 3.66 -5.63
C16 7G9 B . 15.74 3.29 -4.18
O17 7G9 B . 16.57 4.16 -3.42
C20 7G9 B . 10.48 -1.63 -5.01
C21 7G9 B . 9.96 -1.27 -3.72
C22 7G9 B . 10.75 -0.77 -2.66
C24 7G9 B . 12.65 -0.92 -4.19
N26 7G9 B . 10.16 -0.38 -1.44
C27 7G9 B . 10.62 0.52 -0.49
N3 7G9 B . 8.85 0.64 -9.22
C4 7G9 B . 9.81 0.89 -8.34
N5 7G9 B . 10.10 0.13 -7.27
C6 7G9 B . 9.43 -1.00 -7.09
N7 7G9 B . 10.53 2.05 -8.46
O14 7G9 B . 14.81 4.44 -5.95
C18 7G9 B . 16.93 5.35 -4.14
N19 7G9 B . 9.63 -1.92 -6.06
C23 7G9 B . 12.11 -0.60 -2.92
C25 7G9 B . 11.84 -1.40 -5.20
C28 7G9 B . 9.68 0.91 0.64
C29 7G9 B . 9.63 2.15 1.20
O30 7G9 B . 11.72 1.11 -0.48
F31 7G9 B . 7.64 -2.44 -7.99
#